data_4F00
#
_entry.id   4F00
#
_cell.length_a   94.156
_cell.length_b   116.201
_cell.length_c   37.169
_cell.angle_alpha   90.00
_cell.angle_beta   90.00
_cell.angle_gamma   90.00
#
_symmetry.space_group_name_H-M   'I 2 2 2'
#
loop_
_entity.id
_entity.type
_entity.pdbx_description
1 polymer 'Chaperone protein DnaK'
2 polymer Apidaecin
3 water water
#
loop_
_entity_poly.entity_id
_entity_poly.type
_entity_poly.pdbx_seq_one_letter_code
_entity_poly.pdbx_strand_id
1 'polypeptide(L)'
;VLLLDVTPLSLGIETMGGVMTTLIAKNTTIPTKHSQVFSTAEDNQSAVTIHVLQGERKRAADNKSLGQFNLDGINPAPRG
MPQIEVTFDIDADGILHVSAKDKNSGKEQKITIKASSGLNEDEIQKMVRDAEANAEADRKFEELVQTRNQGDHLLHSTRK
QVEEAGDKLPADDKTAIESALTALETALKGEDKAAIEAKMQELAQVSQKLMEIAQQQHA
;
A
2 'polypeptide(L)' NRPVYIPPPP B
#
# COMPACT_ATOMS: atom_id res chain seq x y z
N VAL A 1 29.50 24.18 7.00
CA VAL A 1 29.23 23.97 5.56
C VAL A 1 28.36 25.10 5.07
N LEU A 2 28.60 25.54 3.85
CA LEU A 2 27.91 26.66 3.24
C LEU A 2 26.73 26.17 2.43
N LEU A 3 26.76 24.85 2.24
CA LEU A 3 25.89 24.08 1.36
C LEU A 3 25.58 22.74 2.04
N LEU A 4 24.39 22.19 1.78
CA LEU A 4 24.05 20.79 2.06
C LEU A 4 23.43 20.21 0.79
N ASP A 5 23.69 18.94 0.47
CA ASP A 5 22.89 18.30 -0.57
C ASP A 5 21.71 17.68 0.16
N VAL A 6 20.52 17.99 -0.30
CA VAL A 6 19.34 17.53 0.35
C VAL A 6 18.40 17.04 -0.75
N THR A 7 17.49 16.12 -0.38
CA THR A 7 16.47 15.70 -1.33
C THR A 7 15.45 16.80 -1.54
N PRO A 8 15.20 17.18 -2.81
CA PRO A 8 14.24 18.26 -3.04
C PRO A 8 12.85 17.72 -3.02
N LEU A 9 12.75 16.41 -3.16
CA LEU A 9 11.42 15.82 -3.19
C LEU A 9 11.44 14.54 -2.41
N SER A 10 10.26 14.18 -1.88
CA SER A 10 10.16 12.90 -1.20
C SER A 10 10.40 11.75 -2.22
N LEU A 11 10.88 10.66 -1.67
CA LEU A 11 11.13 9.44 -2.48
C LEU A 11 10.43 8.25 -1.85
N GLY A 12 9.85 7.43 -2.72
CA GLY A 12 9.13 6.21 -2.26
C GLY A 12 8.61 5.23 -3.33
N ILE A 13 7.64 4.42 -2.93
CA ILE A 13 7.12 3.42 -3.80
C ILE A 13 5.60 3.50 -3.89
N GLU A 14 5.08 3.05 -5.03
CA GLU A 14 3.69 2.82 -5.15
C GLU A 14 3.19 1.63 -4.33
N THR A 15 2.20 1.87 -3.48
CA THR A 15 1.59 0.77 -2.74
C THR A 15 0.08 0.66 -3.07
N MET A 16 -0.59 -0.33 -2.49
CA MET A 16 -1.94 -0.71 -2.89
C MET A 16 -2.90 0.45 -2.80
N GLY A 17 -3.68 0.60 -3.86
CA GLY A 17 -4.61 1.68 -3.94
C GLY A 17 -4.00 2.79 -4.77
N GLY A 18 -2.80 2.55 -5.28
CA GLY A 18 -2.21 3.60 -6.14
C GLY A 18 -1.70 4.82 -5.40
N VAL A 19 -1.29 4.64 -4.15
CA VAL A 19 -0.75 5.74 -3.38
C VAL A 19 0.79 5.67 -3.35
N MET A 20 1.44 6.79 -3.08
CA MET A 20 2.86 6.83 -2.87
C MET A 20 3.08 6.66 -1.38
N THR A 21 3.92 5.70 -1.05
CA THR A 21 4.41 5.54 0.31
C THR A 21 5.84 6.04 0.33
N THR A 22 6.10 7.03 1.19
CA THR A 22 7.40 7.70 1.24
C THR A 22 8.32 6.88 2.10
N LEU A 23 9.52 6.63 1.59
CA LEU A 23 10.62 6.05 2.37
C LEU A 23 11.65 7.10 2.75
N ILE A 24 11.85 8.09 1.89
CA ILE A 24 12.76 9.20 2.22
C ILE A 24 12.05 10.54 2.02
N ALA A 25 11.92 11.23 3.15
CA ALA A 25 11.21 12.49 3.26
C ALA A 25 11.96 13.62 2.57
N LYS A 26 11.24 14.44 1.82
CA LYS A 26 11.73 15.70 1.30
C LYS A 26 12.71 16.44 2.24
N ASN A 27 13.78 16.99 1.68
CA ASN A 27 14.75 17.78 2.49
C ASN A 27 15.48 16.96 3.53
N THR A 28 15.76 15.70 3.20
CA THR A 28 16.63 14.87 4.00
C THR A 28 18.02 15.07 3.42
N THR A 29 19.01 15.23 4.31
CA THR A 29 20.40 15.45 3.92
C THR A 29 20.98 14.06 3.68
N ILE A 30 21.81 13.91 2.66
CA ILE A 30 22.30 12.63 2.28
C ILE A 30 23.78 12.63 2.59
N PRO A 31 24.40 11.45 2.78
CA PRO A 31 23.85 10.07 2.68
C PRO A 31 22.75 9.74 3.72
N THR A 32 21.83 8.85 3.36
CA THR A 32 20.78 8.45 4.27
C THR A 32 20.31 7.06 3.81
N LYS A 33 19.78 6.26 4.74
CA LYS A 33 19.26 4.94 4.39
C LYS A 33 18.00 4.74 5.21
N HIS A 34 16.86 4.40 4.58
CA HIS A 34 15.63 4.08 5.34
C HIS A 34 15.05 2.84 4.79
N SER A 35 14.37 2.07 5.63
CA SER A 35 13.74 0.84 5.14
C SER A 35 12.42 0.66 5.82
N GLN A 36 11.53 -0.07 5.17
CA GLN A 36 10.28 -0.38 5.75
C GLN A 36 9.87 -1.77 5.29
N VAL A 37 9.16 -2.49 6.15
CA VAL A 37 8.82 -3.84 5.77
C VAL A 37 7.37 -3.81 5.23
N PHE A 38 7.20 -4.23 3.98
CA PHE A 38 5.92 -4.30 3.39
C PHE A 38 5.47 -5.78 3.29
N SER A 39 4.27 -6.02 2.81
CA SER A 39 3.84 -7.36 2.61
C SER A 39 3.04 -7.37 1.31
N THR A 40 2.39 -8.50 1.00
CA THR A 40 1.65 -8.70 -0.24
C THR A 40 0.18 -8.30 -0.15
N ALA A 41 -0.41 -7.90 -1.27
CA ALA A 41 -1.82 -7.54 -1.36
C ALA A 41 -2.77 -8.72 -1.53
N GLU A 42 -2.29 -9.80 -2.16
CA GLU A 42 -3.17 -10.92 -2.55
C GLU A 42 -2.71 -12.22 -1.96
N ASP A 43 -3.64 -13.15 -1.74
CA ASP A 43 -3.34 -14.45 -1.23
C ASP A 43 -2.50 -15.10 -2.30
N ASN A 44 -1.47 -15.83 -1.88
CA ASN A 44 -0.68 -16.61 -2.83
C ASN A 44 0.04 -15.74 -3.89
N GLN A 45 0.33 -14.49 -3.58
CA GLN A 45 1.01 -13.59 -4.50
C GLN A 45 2.46 -14.04 -4.61
N SER A 46 2.91 -14.23 -5.83
CA SER A 46 4.27 -14.74 -6.11
C SER A 46 5.36 -13.67 -6.31
N ALA A 47 4.99 -12.41 -6.40
CA ALA A 47 5.93 -11.34 -6.82
C ALA A 47 5.32 -10.02 -6.43
N VAL A 48 6.14 -8.98 -6.34
CA VAL A 48 5.67 -7.64 -6.00
C VAL A 48 6.41 -6.82 -7.02
N THR A 49 5.69 -5.83 -7.56
CA THR A 49 6.27 -4.82 -8.43
C THR A 49 6.68 -3.63 -7.53
N ILE A 50 7.92 -3.20 -7.67
CA ILE A 50 8.50 -2.10 -6.89
C ILE A 50 8.65 -0.90 -7.83
N HIS A 51 7.70 0.01 -7.73
CA HIS A 51 7.61 1.18 -8.60
C HIS A 51 8.12 2.36 -7.79
N VAL A 52 9.33 2.79 -8.11
CA VAL A 52 10.03 3.89 -7.41
C VAL A 52 9.55 5.25 -7.89
N LEU A 53 9.19 6.11 -6.92
CA LEU A 53 8.49 7.39 -7.23
C LEU A 53 9.26 8.56 -6.57
N GLN A 54 9.29 9.68 -7.30
CA GLN A 54 9.76 10.98 -6.74
C GLN A 54 8.65 12.00 -6.85
N GLY A 55 8.31 12.61 -5.71
CA GLY A 55 7.28 13.62 -5.73
C GLY A 55 6.58 13.82 -4.40
N GLU A 56 5.64 14.79 -4.37
CA GLU A 56 4.96 15.10 -3.13
C GLU A 56 3.47 14.77 -3.18
N ARG A 57 3.04 14.14 -4.27
CA ARG A 57 1.62 13.90 -4.45
C ARG A 57 1.19 12.57 -3.80
N LYS A 58 -0.08 12.47 -3.41
CA LYS A 58 -0.56 11.27 -2.73
C LYS A 58 -0.80 10.17 -3.73
N ARG A 59 -1.35 10.56 -4.87
CA ARG A 59 -1.52 9.64 -5.98
C ARG A 59 -0.18 9.28 -6.63
N ALA A 60 0.09 7.99 -6.75
CA ALA A 60 1.34 7.54 -7.40
C ALA A 60 1.45 8.10 -8.81
N ALA A 61 0.36 8.08 -9.57
CA ALA A 61 0.42 8.54 -10.93
C ALA A 61 0.87 10.01 -11.03
N ASP A 62 0.65 10.79 -9.97
CA ASP A 62 0.96 12.24 -9.98
C ASP A 62 2.40 12.53 -9.66
N ASN A 63 3.17 11.49 -9.32
CA ASN A 63 4.56 11.65 -9.02
C ASN A 63 5.44 11.27 -10.22
N LYS A 64 6.72 11.56 -10.10
CA LYS A 64 7.64 11.14 -11.14
C LYS A 64 8.07 9.70 -10.98
N SER A 65 7.91 8.95 -12.05
CA SER A 65 8.40 7.59 -12.02
C SER A 65 9.93 7.47 -12.22
N LEU A 66 10.63 7.02 -11.18
CA LEU A 66 12.05 6.81 -11.37
C LEU A 66 12.38 5.45 -11.96
N GLY A 67 11.44 4.51 -11.96
CA GLY A 67 11.71 3.24 -12.68
C GLY A 67 11.00 2.18 -11.90
N GLN A 68 11.20 0.93 -12.27
CA GLN A 68 10.66 -0.09 -11.44
C GLN A 68 11.21 -1.47 -11.77
N PHE A 69 10.91 -2.41 -10.88
CA PHE A 69 11.45 -3.76 -11.00
C PHE A 69 10.59 -4.64 -10.14
N ASN A 70 10.70 -5.95 -10.38
CA ASN A 70 9.91 -6.93 -9.65
C ASN A 70 10.81 -7.76 -8.77
N LEU A 71 10.23 -8.25 -7.70
CA LEU A 71 10.87 -9.28 -6.89
C LEU A 71 9.86 -10.46 -7.00
N ASP A 72 10.31 -11.59 -7.54
CA ASP A 72 9.49 -12.80 -7.52
C ASP A 72 10.00 -13.88 -6.56
N GLY A 73 9.52 -15.12 -6.74
CA GLY A 73 9.82 -16.24 -5.85
C GLY A 73 9.25 -16.13 -4.43
N ILE A 74 8.17 -15.34 -4.27
CA ILE A 74 7.51 -15.29 -2.99
C ILE A 74 6.73 -16.62 -2.77
N ASN A 75 7.00 -17.25 -1.65
CA ASN A 75 6.38 -18.55 -1.38
C ASN A 75 4.88 -18.41 -1.01
N PRO A 76 4.04 -19.41 -1.34
CA PRO A 76 2.58 -19.33 -1.10
C PRO A 76 2.31 -18.96 0.35
N ALA A 77 1.50 -17.89 0.52
CA ALA A 77 1.13 -17.32 1.83
C ALA A 77 -0.17 -16.55 1.70
N PRO A 78 -0.90 -16.37 2.83
CA PRO A 78 -2.05 -15.46 2.90
C PRO A 78 -1.53 -14.05 2.63
N ARG A 79 -2.35 -13.22 2.03
CA ARG A 79 -2.02 -11.78 1.88
C ARG A 79 -1.55 -11.25 3.25
N GLY A 80 -0.57 -10.34 3.23
CA GLY A 80 -0.22 -9.59 4.42
C GLY A 80 0.74 -10.34 5.33
N MET A 81 1.04 -11.58 4.97
CA MET A 81 2.01 -12.35 5.75
C MET A 81 3.46 -12.25 5.27
N PRO A 82 3.76 -12.32 3.95
CA PRO A 82 5.17 -12.18 3.55
C PRO A 82 5.82 -10.84 4.07
N GLN A 83 7.13 -10.90 4.34
CA GLN A 83 7.86 -9.71 4.72
C GLN A 83 8.80 -9.33 3.64
N ILE A 84 8.43 -8.27 2.91
CA ILE A 84 9.21 -7.72 1.83
C ILE A 84 9.80 -6.40 2.34
N GLU A 85 11.08 -6.41 2.61
CA GLU A 85 11.68 -5.23 3.16
C GLU A 85 12.25 -4.40 2.07
N VAL A 86 11.88 -3.14 2.07
CA VAL A 86 12.26 -2.24 1.01
C VAL A 86 13.16 -1.20 1.63
N THR A 87 14.38 -1.06 1.10
CA THR A 87 15.40 -0.09 1.57
C THR A 87 15.72 0.94 0.51
N PHE A 88 15.61 2.21 0.86
CA PHE A 88 16.18 3.27 0.03
C PHE A 88 17.45 3.75 0.67
N ASP A 89 18.57 3.61 -0.05
CA ASP A 89 19.87 4.05 0.37
C ASP A 89 20.37 5.12 -0.65
N ILE A 90 20.49 6.36 -0.21
CA ILE A 90 21.20 7.37 -1.07
C ILE A 90 22.63 7.58 -0.53
N ASP A 91 23.61 7.33 -1.39
CA ASP A 91 25.00 7.42 -0.93
C ASP A 91 25.57 8.83 -1.10
N ALA A 92 26.82 9.01 -0.68
CA ALA A 92 27.50 10.30 -0.82
C ALA A 92 27.53 10.85 -2.27
N ASP A 93 27.43 9.99 -3.30
CA ASP A 93 27.45 10.48 -4.68
C ASP A 93 26.07 10.90 -5.13
N GLY A 94 25.10 10.77 -4.24
CA GLY A 94 23.71 11.03 -4.58
C GLY A 94 23.02 9.99 -5.42
N ILE A 95 23.56 8.78 -5.42
CA ILE A 95 22.96 7.69 -6.20
C ILE A 95 22.02 6.99 -5.22
N LEU A 96 20.81 6.73 -5.71
CA LEU A 96 19.81 5.97 -4.97
C LEU A 96 19.87 4.47 -5.34
N HIS A 97 20.05 3.66 -4.30
CA HIS A 97 19.90 2.20 -4.39
C HIS A 97 18.61 1.79 -3.77
N VAL A 98 17.72 1.17 -4.52
CA VAL A 98 16.53 0.66 -3.92
C VAL A 98 16.59 -0.86 -3.92
N SER A 99 16.35 -1.47 -2.78
CA SER A 99 16.20 -2.91 -2.81
C SER A 99 14.91 -3.44 -2.20
N ALA A 100 14.52 -4.66 -2.61
CA ALA A 100 13.34 -5.34 -2.07
C ALA A 100 13.88 -6.75 -1.75
N LYS A 101 13.67 -7.16 -0.50
CA LYS A 101 14.17 -8.40 -0.01
C LYS A 101 13.12 -9.20 0.72
N ASP A 102 13.03 -10.48 0.42
CA ASP A 102 12.02 -11.31 0.99
C ASP A 102 12.71 -11.99 2.19
N LYS A 103 12.18 -11.76 3.40
CA LYS A 103 12.82 -12.18 4.60
C LYS A 103 12.62 -13.65 4.77
N ASN A 104 11.62 -14.24 4.09
CA ASN A 104 11.51 -15.73 4.14
C ASN A 104 12.64 -16.42 3.32
N SER A 105 12.87 -15.95 2.09
CA SER A 105 13.65 -16.69 1.09
C SER A 105 14.99 -16.08 0.98
N GLY A 106 15.14 -14.90 1.55
CA GLY A 106 16.37 -14.15 1.45
C GLY A 106 16.61 -13.54 0.07
N LYS A 107 15.77 -13.87 -0.91
CA LYS A 107 15.90 -13.36 -2.29
C LYS A 107 15.83 -11.84 -2.25
N GLU A 108 16.63 -11.18 -3.09
CA GLU A 108 16.67 -9.74 -3.15
C GLU A 108 16.79 -9.27 -4.59
N GLN A 109 16.12 -8.18 -4.93
CA GLN A 109 16.29 -7.51 -6.23
C GLN A 109 16.49 -6.01 -5.99
N LYS A 110 17.27 -5.38 -6.85
CA LYS A 110 17.60 -3.95 -6.70
C LYS A 110 17.38 -3.13 -7.91
N ILE A 111 17.09 -1.82 -7.74
CA ILE A 111 17.27 -0.88 -8.87
C ILE A 111 18.22 0.22 -8.36
N THR A 112 19.12 0.66 -9.23
CA THR A 112 20.02 1.77 -8.99
C THR A 112 19.61 2.93 -9.90
N ILE A 113 19.43 4.08 -9.26
CA ILE A 113 18.99 5.31 -9.84
C ILE A 113 20.07 6.39 -9.69
N LYS A 114 20.59 6.81 -10.82
CA LYS A 114 21.58 7.87 -10.93
C LYS A 114 21.15 9.17 -10.29
N ALA A 115 22.17 9.89 -9.74
CA ALA A 115 21.93 11.19 -9.10
C ALA A 115 21.18 12.14 -10.03
N SER A 116 21.36 11.99 -11.34
CA SER A 116 20.77 12.97 -12.29
C SER A 116 19.37 12.62 -12.75
N SER A 117 18.88 11.45 -12.35
CA SER A 117 17.55 11.03 -12.71
C SER A 117 16.48 11.87 -12.00
N GLY A 118 15.24 11.75 -12.43
CA GLY A 118 14.13 12.41 -11.76
C GLY A 118 13.82 13.77 -12.33
N LEU A 119 13.22 14.63 -11.53
CA LEU A 119 12.70 15.88 -12.02
C LEU A 119 13.78 16.93 -12.04
N ASN A 120 13.81 17.76 -13.10
CA ASN A 120 14.72 18.91 -13.12
C ASN A 120 14.24 20.04 -12.20
N GLU A 121 15.06 21.06 -12.00
CA GLU A 121 14.68 22.11 -11.08
C GLU A 121 13.32 22.76 -11.37
N ASP A 122 13.02 22.99 -12.65
CA ASP A 122 11.72 23.57 -13.06
C ASP A 122 10.60 22.67 -12.51
N GLU A 123 10.65 21.39 -12.93
CA GLU A 123 9.63 20.41 -12.63
C GLU A 123 9.50 20.22 -11.12
N ILE A 124 10.61 20.33 -10.38
CA ILE A 124 10.59 20.23 -8.92
C ILE A 124 9.70 21.34 -8.39
N GLN A 125 9.90 22.55 -8.92
CA GLN A 125 9.13 23.68 -8.41
C GLN A 125 7.68 23.55 -8.83
N LYS A 126 7.44 23.07 -10.06
CA LYS A 126 6.10 22.74 -10.50
C LYS A 126 5.43 21.72 -9.53
N MET A 127 6.21 20.74 -9.06
CA MET A 127 5.73 19.68 -8.16
C MET A 127 5.42 20.19 -6.73
N VAL A 128 6.35 20.95 -6.13
CA VAL A 128 6.10 21.54 -4.82
C VAL A 128 4.82 22.39 -4.91
N ARG A 129 4.69 23.04 -6.05
CA ARG A 129 3.58 23.95 -6.31
C ARG A 129 2.28 23.19 -6.38
N ASP A 130 2.18 22.22 -7.29
CA ASP A 130 0.99 21.36 -7.40
C ASP A 130 0.59 20.67 -6.08
N ALA A 131 1.56 20.17 -5.32
CA ALA A 131 1.25 19.51 -4.06
C ALA A 131 0.56 20.44 -3.07
N GLU A 132 1.01 21.69 -2.97
CA GLU A 132 0.23 22.69 -2.17
C GLU A 132 -1.12 23.05 -2.79
N ALA A 133 -1.12 23.23 -4.11
CA ALA A 133 -2.35 23.54 -4.88
C ALA A 133 -3.42 22.41 -4.82
N ASN A 134 -2.98 21.20 -4.54
CA ASN A 134 -3.89 20.08 -4.47
C ASN A 134 -3.93 19.42 -3.11
N ALA A 135 -3.46 20.12 -2.07
CA ALA A 135 -3.37 19.51 -0.74
C ALA A 135 -4.69 18.93 -0.26
N GLU A 136 -5.77 19.64 -0.56
CA GLU A 136 -7.07 19.20 -0.12
C GLU A 136 -7.55 17.96 -0.89
N ALA A 137 -7.40 18.00 -2.22
CA ALA A 137 -7.77 16.88 -3.07
C ALA A 137 -6.93 15.64 -2.70
N ASP A 138 -5.63 15.84 -2.47
CA ASP A 138 -4.77 14.73 -2.07
C ASP A 138 -5.20 14.16 -0.72
N ARG A 139 -5.57 15.04 0.21
CA ARG A 139 -6.05 14.57 1.48
C ARG A 139 -7.32 13.70 1.30
N LYS A 140 -8.20 14.10 0.38
CA LYS A 140 -9.43 13.35 0.13
C LYS A 140 -9.13 12.04 -0.48
N PHE A 141 -8.16 12.02 -1.38
CA PHE A 141 -7.78 10.76 -1.99
C PHE A 141 -7.17 9.86 -0.96
N GLU A 142 -6.38 10.42 -0.04
CA GLU A 142 -5.81 9.55 1.03
C GLU A 142 -6.94 8.89 1.88
N GLU A 143 -7.98 9.66 2.18
CA GLU A 143 -9.05 9.14 2.98
C GLU A 143 -9.78 8.07 2.21
N LEU A 144 -10.05 8.28 0.92
CA LEU A 144 -10.65 7.24 0.06
C LEU A 144 -9.85 5.94 0.01
N VAL A 145 -8.53 6.06 -0.22
CA VAL A 145 -7.71 4.85 -0.41
C VAL A 145 -7.63 4.12 0.91
N GLN A 146 -7.51 4.87 1.98
CA GLN A 146 -7.46 4.28 3.34
C GLN A 146 -8.81 3.56 3.58
N THR A 147 -9.95 4.19 3.20
CA THR A 147 -11.25 3.54 3.39
C THR A 147 -11.35 2.24 2.54
N ARG A 148 -10.98 2.31 1.26
CA ARG A 148 -11.06 1.12 0.39
C ARG A 148 -10.14 0.00 0.89
N ASN A 149 -8.95 0.36 1.35
CA ASN A 149 -8.02 -0.61 1.91
C ASN A 149 -8.57 -1.26 3.16
N GLN A 150 -9.28 -0.52 4.01
CA GLN A 150 -9.93 -1.11 5.19
C GLN A 150 -11.07 -2.01 4.88
N GLY A 151 -11.81 -1.63 3.84
CA GLY A 151 -12.96 -2.36 3.49
C GLY A 151 -12.51 -3.65 2.82
N ASP A 152 -11.48 -3.59 1.95
CA ASP A 152 -10.85 -4.78 1.41
C ASP A 152 -10.43 -5.72 2.59
N HIS A 153 -9.77 -5.17 3.61
CA HIS A 153 -9.42 -6.00 4.79
C HIS A 153 -10.63 -6.64 5.48
N LEU A 154 -11.71 -5.87 5.65
CA LEU A 154 -12.91 -6.44 6.19
C LEU A 154 -13.54 -7.50 5.28
N LEU A 155 -13.64 -7.19 3.98
CA LEU A 155 -14.08 -8.14 2.97
C LEU A 155 -13.36 -9.49 3.13
N HIS A 156 -12.05 -9.44 3.10
CA HIS A 156 -11.28 -10.65 3.10
C HIS A 156 -11.27 -11.35 4.42
N SER A 157 -11.15 -10.58 5.49
CA SER A 157 -11.13 -11.23 6.81
C SER A 157 -12.46 -11.92 7.01
N THR A 158 -13.57 -11.20 6.75
CA THR A 158 -14.89 -11.80 6.92
C THR A 158 -15.06 -13.06 6.11
N ARG A 159 -14.66 -13.09 4.83
CA ARG A 159 -14.77 -14.31 4.04
C ARG A 159 -14.03 -15.50 4.63
N LYS A 160 -12.80 -15.26 5.09
CA LYS A 160 -12.06 -16.30 5.83
C LYS A 160 -12.81 -16.82 7.08
N GLN A 161 -13.36 -15.88 7.84
CA GLN A 161 -14.11 -16.20 9.06
C GLN A 161 -15.39 -17.00 8.76
N VAL A 162 -16.08 -16.69 7.66
CA VAL A 162 -17.23 -17.48 7.23
C VAL A 162 -16.76 -18.94 7.00
N GLU A 163 -15.81 -19.15 6.07
CA GLU A 163 -15.20 -20.49 5.84
C GLU A 163 -14.83 -21.17 7.16
N GLU A 164 -14.01 -20.54 8.00
CA GLU A 164 -13.65 -21.18 9.28
C GLU A 164 -14.89 -21.53 10.14
N ALA A 165 -15.92 -20.67 10.16
CA ALA A 165 -17.16 -20.91 10.89
C ALA A 165 -17.95 -22.14 10.47
N GLY A 166 -18.08 -22.37 9.16
CA GLY A 166 -18.76 -23.59 8.68
C GLY A 166 -20.20 -23.56 9.19
N ASP A 167 -20.66 -24.69 9.70
CA ASP A 167 -22.01 -24.82 10.25
C ASP A 167 -22.24 -24.16 11.55
N LYS A 168 -21.18 -23.65 12.19
CA LYS A 168 -21.40 -22.89 13.41
C LYS A 168 -22.25 -21.65 13.05
N LEU A 169 -22.22 -21.21 11.79
CA LEU A 169 -22.85 -19.91 11.42
C LEU A 169 -24.31 -20.21 11.01
N PRO A 170 -25.34 -19.66 11.73
CA PRO A 170 -26.73 -19.88 11.25
C PRO A 170 -26.99 -19.42 9.80
N ALA A 171 -27.89 -20.12 9.12
CA ALA A 171 -28.24 -19.86 7.70
C ALA A 171 -28.59 -18.39 7.48
N ASP A 172 -29.50 -17.84 8.28
CA ASP A 172 -29.93 -16.42 8.15
C ASP A 172 -28.79 -15.43 8.27
N ASP A 173 -27.89 -15.65 9.23
CA ASP A 173 -26.62 -14.93 9.28
C ASP A 173 -25.78 -15.03 8.01
N LYS A 174 -25.60 -16.22 7.49
CA LYS A 174 -24.78 -16.39 6.31
C LYS A 174 -25.40 -15.69 5.07
N THR A 175 -26.72 -15.78 4.95
CA THR A 175 -27.45 -15.09 3.90
C THR A 175 -27.14 -13.59 4.00
N ALA A 176 -27.28 -13.02 5.21
CA ALA A 176 -27.16 -11.56 5.35
C ALA A 176 -25.69 -11.18 5.11
N ILE A 177 -24.80 -11.95 5.72
CA ILE A 177 -23.37 -11.69 5.57
C ILE A 177 -22.85 -11.72 4.12
N GLU A 178 -23.28 -12.69 3.31
CA GLU A 178 -22.77 -12.85 1.97
C GLU A 178 -23.34 -11.81 1.02
N SER A 179 -24.58 -11.42 1.30
CA SER A 179 -25.14 -10.41 0.46
C SER A 179 -24.41 -9.08 0.75
N ALA A 180 -24.06 -8.83 2.02
CA ALA A 180 -23.31 -7.62 2.38
C ALA A 180 -21.91 -7.67 1.85
N LEU A 181 -21.28 -8.86 1.90
CA LEU A 181 -19.93 -9.04 1.33
C LEU A 181 -19.98 -8.73 -0.19
N THR A 182 -20.95 -9.29 -0.87
CA THR A 182 -21.04 -9.01 -2.33
C THR A 182 -21.15 -7.51 -2.62
N ALA A 183 -22.03 -6.87 -1.89
CA ALA A 183 -22.22 -5.42 -2.06
C ALA A 183 -20.96 -4.61 -1.67
N LEU A 184 -20.27 -4.99 -0.60
CA LEU A 184 -19.01 -4.37 -0.29
C LEU A 184 -17.95 -4.56 -1.41
N GLU A 185 -17.83 -5.78 -1.96
CA GLU A 185 -16.91 -6.04 -3.07
C GLU A 185 -17.18 -5.11 -4.26
N THR A 186 -18.46 -4.89 -4.55
CA THR A 186 -18.84 -3.99 -5.63
C THR A 186 -18.47 -2.55 -5.34
N ALA A 187 -18.69 -2.11 -4.08
CA ALA A 187 -18.44 -0.72 -3.70
C ALA A 187 -16.95 -0.47 -3.75
N LEU A 188 -16.17 -1.52 -3.51
CA LEU A 188 -14.73 -1.36 -3.46
C LEU A 188 -14.15 -1.13 -4.84
N LYS A 189 -14.98 -1.39 -5.89
CA LYS A 189 -14.63 -1.21 -7.32
C LYS A 189 -14.67 0.24 -7.75
N GLY A 190 -15.48 1.05 -7.04
CA GLY A 190 -15.57 2.43 -7.35
C GLY A 190 -14.67 3.33 -6.56
N GLU A 191 -14.94 4.63 -6.67
CA GLU A 191 -14.24 5.60 -5.81
C GLU A 191 -15.21 6.50 -5.08
N ASP A 192 -16.21 5.88 -4.48
CA ASP A 192 -17.21 6.62 -3.73
C ASP A 192 -17.02 6.22 -2.29
N LYS A 193 -16.41 7.08 -1.49
CA LYS A 193 -16.04 6.69 -0.16
C LYS A 193 -17.32 6.38 0.61
N ALA A 194 -18.36 7.22 0.45
CA ALA A 194 -19.62 7.07 1.24
C ALA A 194 -20.18 5.68 1.04
N ALA A 195 -20.18 5.24 -0.22
CA ALA A 195 -20.67 3.92 -0.65
C ALA A 195 -19.93 2.82 0.07
N ILE A 196 -18.61 2.90 0.09
CA ILE A 196 -17.85 1.87 0.78
C ILE A 196 -18.15 1.82 2.27
N GLU A 197 -18.13 2.97 2.89
CA GLU A 197 -18.45 3.06 4.31
C GLU A 197 -19.89 2.52 4.53
N ALA A 198 -20.81 2.71 3.60
CA ALA A 198 -22.19 2.23 3.87
C ALA A 198 -22.22 0.69 3.82
N LYS A 199 -21.45 0.09 2.90
CA LYS A 199 -21.43 -1.39 2.86
C LYS A 199 -20.70 -1.98 4.09
N MET A 200 -19.61 -1.33 4.49
CA MET A 200 -18.89 -1.73 5.73
C MET A 200 -19.78 -1.72 6.94
N GLN A 201 -20.54 -0.64 7.07
CA GLN A 201 -21.59 -0.49 8.08
C GLN A 201 -22.65 -1.64 8.05
N GLU A 202 -23.12 -1.96 6.85
CA GLU A 202 -24.04 -3.07 6.70
C GLU A 202 -23.42 -4.36 7.20
N LEU A 203 -22.17 -4.60 6.82
CA LEU A 203 -21.50 -5.81 7.24
C LEU A 203 -21.36 -5.80 8.77
N ALA A 204 -20.99 -4.66 9.36
CA ALA A 204 -20.87 -4.67 10.85
C ALA A 204 -22.22 -4.99 11.52
N GLN A 205 -23.29 -4.48 10.93
CA GLN A 205 -24.59 -4.68 11.53
C GLN A 205 -25.06 -6.13 11.45
N VAL A 206 -24.78 -6.85 10.37
CA VAL A 206 -25.22 -8.21 10.16
C VAL A 206 -24.26 -9.30 10.66
N SER A 207 -23.08 -8.93 11.16
CA SER A 207 -22.03 -9.95 11.41
C SER A 207 -21.85 -10.31 12.85
N GLN A 208 -22.74 -9.90 13.72
CA GLN A 208 -22.42 -10.03 15.12
C GLN A 208 -22.21 -11.46 15.55
N LYS A 209 -23.04 -12.36 15.02
CA LYS A 209 -23.00 -13.73 15.44
C LYS A 209 -21.70 -14.31 14.89
N LEU A 210 -21.40 -13.98 13.63
CA LEU A 210 -20.08 -14.37 13.08
C LEU A 210 -18.84 -13.89 13.88
N MET A 211 -18.82 -12.62 14.34
CA MET A 211 -17.73 -12.13 15.21
C MET A 211 -17.60 -12.94 16.48
N GLU A 212 -18.74 -13.39 16.98
CA GLU A 212 -18.69 -14.08 18.24
C GLU A 212 -18.09 -15.48 17.99
N ILE A 213 -18.53 -16.14 16.91
CA ILE A 213 -17.97 -17.47 16.56
C ILE A 213 -16.46 -17.39 16.30
N ALA A 214 -16.04 -16.42 15.49
CA ALA A 214 -14.58 -16.20 15.24
C ALA A 214 -13.79 -15.87 16.50
N GLN A 215 -14.37 -15.04 17.36
CA GLN A 215 -13.67 -14.72 18.64
C GLN A 215 -13.51 -16.01 19.42
N GLN A 216 -14.57 -16.79 19.49
CA GLN A 216 -14.51 -18.06 20.24
C GLN A 216 -13.52 -19.11 19.69
N GLN A 217 -13.47 -19.27 18.36
CA GLN A 217 -12.59 -20.22 17.69
C GLN A 217 -11.13 -20.04 18.09
N HIS A 218 -10.72 -18.82 18.44
CA HIS A 218 -9.34 -18.61 18.84
C HIS A 218 -9.20 -18.16 20.27
N ALA A 219 -10.24 -18.31 21.08
CA ALA A 219 -10.24 -17.79 22.45
C ALA A 219 -9.32 -18.59 23.37
N PRO B 3 1.28 -3.96 8.21
CA PRO B 3 2.09 -3.61 7.06
C PRO B 3 1.27 -3.17 5.86
N VAL B 4 1.87 -2.30 5.07
CA VAL B 4 1.26 -1.75 3.88
C VAL B 4 1.51 -2.77 2.77
N TYR B 5 0.59 -2.88 1.81
CA TYR B 5 0.69 -3.94 0.85
C TYR B 5 1.14 -3.45 -0.54
N ILE B 6 1.84 -4.32 -1.28
CA ILE B 6 2.35 -3.99 -2.58
C ILE B 6 1.68 -4.95 -3.54
N PRO B 7 1.14 -4.41 -4.65
CA PRO B 7 0.47 -5.26 -5.64
C PRO B 7 1.44 -6.09 -6.47
N PRO B 8 0.94 -7.16 -7.10
CA PRO B 8 1.86 -7.90 -7.96
C PRO B 8 2.13 -7.17 -9.25
N PRO B 9 3.15 -7.63 -10.00
CA PRO B 9 3.41 -7.14 -11.35
C PRO B 9 2.24 -7.51 -12.27
N PRO B 10 2.10 -6.82 -13.41
#